data_5SAY
#
_entry.id   5SAY
#
_cell.length_a   45.690
_cell.length_b   119.590
_cell.length_c   61.890
_cell.angle_alpha   90.000
_cell.angle_beta   94.920
_cell.angle_gamma   90.000
#
_symmetry.space_group_name_H-M   'P 1 21 1'
#
loop_
_entity.id
_entity.type
_entity.pdbx_description
1 polymer 'Epithelial discoidin domain-containing receptor 1'
2 non-polymer 'IODIDE ION'
3 non-polymer N-(2-{3-[(2-aminopyrimidin-5-yl)oxy]phenyl}ethyl)-3-(trifluoromethoxy)benzamide
4 water water
#
_entity_poly.entity_id   1
_entity_poly.type   'polypeptide(L)'
_entity_poly.pdbx_seq_one_letter_code
;PGAVGDGPPRVDFPRSRLRFKEKLGEGQFGEVHLCEVDSPQDLVSLDFPLNVRKGHPLLVAVKILRPDATKNARNDFLKE
VKIMSRLKDPNIIRLLGVCVQDDPLCMITDYMENGDLNQFLSAHQLEDKAAEGAPGDPTISYPMLLHVAAQIASGMRYLA
TLNFVHRDLATRNCLVGENFTIKIADFGMSRNLYAGDYYRVQGRAVLPIRWMAWECILMGKFTTASDVWAFGVTLWEVLM
LCRAQPFGQLTDEQVIENAGEFFRDQGRQVYLSRPPACPQGLYELMLRCWSRESEQRPPFSQLHRFLAEDALNTVHHHHH
H
;
_entity_poly.pdbx_strand_id   A,B
#
loop_
_chem_comp.id
_chem_comp.type
_chem_comp.name
_chem_comp.formula
1IJ non-polymer N-(2-{3-[(2-aminopyrimidin-5-yl)oxy]phenyl}ethyl)-3-(trifluoromethoxy)benzamide 'C20 H17 F3 N4 O3'
IOD non-polymer 'IODIDE ION' 'I -1'
#
# COMPACT_ATOMS: atom_id res chain seq x y z
N ARG A 10 6.02 18.53 20.37
CA ARG A 10 5.45 17.30 20.91
C ARG A 10 6.41 16.66 21.91
N VAL A 11 6.04 16.69 23.19
CA VAL A 11 6.86 16.09 24.27
C VAL A 11 6.51 14.64 24.62
N ASP A 12 7.50 13.95 25.20
CA ASP A 12 7.41 12.54 25.57
C ASP A 12 6.54 12.32 26.80
N PHE A 13 5.91 11.14 26.86
CA PHE A 13 5.31 10.70 28.11
C PHE A 13 6.47 10.44 29.06
N PRO A 14 6.34 10.81 30.34
CA PRO A 14 7.39 10.57 31.35
C PRO A 14 7.50 9.10 31.75
N ARG A 15 8.50 8.38 31.25
CA ARG A 15 8.60 6.95 31.54
C ARG A 15 8.75 6.63 33.04
N SER A 16 9.25 7.59 33.82
CA SER A 16 9.36 7.37 35.26
C SER A 16 8.00 7.29 35.92
N ARG A 17 6.97 7.73 35.22
CA ARG A 17 5.59 7.63 35.71
C ARG A 17 4.95 6.29 35.33
N LEU A 18 5.74 5.38 34.77
CA LEU A 18 5.23 4.05 34.40
C LEU A 18 5.68 3.02 35.42
N ARG A 19 4.80 2.67 36.33
CA ARG A 19 5.18 1.69 37.34
C ARG A 19 4.83 0.29 36.84
N PHE A 20 5.88 -0.50 36.66
CA PHE A 20 5.79 -1.88 36.20
C PHE A 20 4.93 -2.76 37.10
N LYS A 21 4.08 -3.60 36.49
CA LYS A 21 3.23 -4.53 37.24
C LYS A 21 3.52 -5.99 36.89
N GLU A 22 3.51 -6.33 35.59
CA GLU A 22 3.83 -7.70 35.15
C GLU A 22 4.16 -7.74 33.65
N LYS A 23 5.07 -8.61 33.26
CA LYS A 23 5.33 -8.76 31.83
C LYS A 23 4.13 -9.46 31.22
N LEU A 24 3.50 -8.76 30.28
CA LEU A 24 2.25 -9.14 29.68
C LEU A 24 2.48 -10.03 28.46
N GLY A 25 3.63 -9.86 27.83
CA GLY A 25 3.97 -10.60 26.64
C GLY A 25 5.35 -10.21 26.18
N GLU A 26 5.89 -10.94 25.22
CA GLU A 26 7.22 -10.66 24.73
C GLU A 26 7.39 -11.14 23.30
N GLY A 27 8.11 -10.36 22.50
CA GLY A 27 8.26 -10.64 21.09
C GLY A 27 9.66 -10.58 20.55
N GLN A 28 9.75 -10.60 19.22
CA GLN A 28 11.01 -10.70 18.52
C GLN A 28 11.91 -9.49 18.76
N PHE A 29 11.29 -8.32 18.79
CA PHE A 29 12.05 -7.07 18.92
C PHE A 29 11.69 -6.28 20.18
N GLY A 30 10.79 -6.84 20.99
CA GLY A 30 10.36 -6.17 22.20
C GLY A 30 9.72 -7.01 23.28
N GLU A 31 9.28 -6.34 24.33
CA GLU A 31 8.47 -6.96 25.37
C GLU A 31 7.26 -6.07 25.57
N VAL A 32 6.19 -6.63 26.13
CA VAL A 32 5.00 -5.85 26.42
C VAL A 32 4.72 -5.88 27.91
N HIS A 33 4.68 -4.72 28.55
CA HIS A 33 4.49 -4.68 30.00
C HIS A 33 3.17 -4.06 30.40
N LEU A 34 2.55 -4.60 31.46
CA LEU A 34 1.42 -3.96 32.13
C LEU A 34 1.96 -3.03 33.21
N CYS A 35 1.60 -1.77 33.14
CA CYS A 35 2.12 -0.77 34.06
C CYS A 35 0.99 0.05 34.65
N GLU A 36 1.23 0.59 35.85
CA GLU A 36 0.27 1.48 36.50
C GLU A 36 0.69 2.92 36.33
N VAL A 37 -0.27 3.80 36.05
CA VAL A 37 0.04 5.24 36.02
C VAL A 37 -0.76 6.06 37.04
N ASP A 38 -0.07 6.58 38.04
CA ASP A 38 -0.70 7.40 39.07
C ASP A 38 -1.17 8.74 38.51
N SER A 39 -2.33 9.20 38.96
CA SER A 39 -2.83 10.52 38.61
C SER A 39 -2.67 10.84 37.13
N PRO A 40 -3.34 10.10 36.25
CA PRO A 40 -3.10 10.26 34.81
C PRO A 40 -3.57 11.56 34.10
N GLN A 41 -3.41 12.72 34.74
CA GLN A 41 -3.63 13.99 34.06
C GLN A 41 -2.43 14.35 33.16
N ASP A 42 -1.68 13.32 32.75
CA ASP A 42 -0.57 13.46 31.81
C ASP A 42 -1.09 13.42 30.37
N LEU A 43 -2.37 13.16 30.19
CA LEU A 43 -2.95 12.98 28.86
C LEU A 43 -4.15 13.88 28.59
N VAL A 44 -4.18 14.50 27.40
CA VAL A 44 -5.28 15.38 27.02
C VAL A 44 -6.62 14.64 26.95
N SER A 45 -6.59 13.41 26.43
CA SER A 45 -7.81 12.61 26.28
C SER A 45 -8.48 12.33 27.62
N HIS A 56 -8.09 4.19 41.04
CA HIS A 56 -7.45 5.46 40.67
C HIS A 56 -6.15 5.30 39.84
N PRO A 57 -5.33 4.26 40.10
CA PRO A 57 -4.24 4.16 39.12
C PRO A 57 -4.78 3.66 37.78
N LEU A 58 -4.21 4.17 36.69
CA LEU A 58 -4.55 3.75 35.35
C LEU A 58 -3.75 2.54 34.94
N LEU A 59 -4.40 1.55 34.33
CA LEU A 59 -3.64 0.40 33.85
C LEU A 59 -3.34 0.64 32.38
N VAL A 60 -2.07 0.59 32.03
CA VAL A 60 -1.67 0.74 30.63
C VAL A 60 -0.85 -0.43 30.16
N ALA A 61 -0.92 -0.71 28.87
CA ALA A 61 -0.03 -1.68 28.26
C ALA A 61 1.10 -0.92 27.59
N VAL A 62 2.33 -1.42 27.75
CA VAL A 62 3.49 -0.73 27.19
C VAL A 62 4.24 -1.65 26.26
N LYS A 63 4.52 -1.17 25.08
CA LYS A 63 5.34 -1.90 24.13
C LYS A 63 6.70 -1.22 24.02
N ILE A 64 7.76 -1.96 24.36
CA ILE A 64 9.13 -1.42 24.37
C ILE A 64 10.08 -2.16 23.46
N LEU A 65 10.82 -1.45 22.63
CA LEU A 65 11.85 -2.08 21.79
C LEU A 65 13.01 -2.57 22.61
N ARG A 66 13.37 -3.83 22.42
CA ARG A 66 14.52 -4.42 23.07
C ARG A 66 15.77 -3.60 22.70
N PRO A 67 16.71 -3.46 23.65
CA PRO A 67 17.87 -2.57 23.50
C PRO A 67 18.71 -2.82 22.23
N ASP A 68 18.85 -4.07 21.83
CA ASP A 68 19.65 -4.44 20.66
C ASP A 68 18.87 -4.33 19.36
N ALA A 69 17.80 -3.55 19.36
CA ALA A 69 16.92 -3.47 18.19
C ALA A 69 17.68 -2.96 16.97
N THR A 70 17.52 -3.65 15.85
CA THR A 70 18.21 -3.23 14.64
C THR A 70 17.61 -1.92 14.11
N LYS A 71 18.33 -1.28 13.21
CA LYS A 71 17.89 0.00 12.67
C LYS A 71 16.54 -0.11 11.95
N ASN A 72 16.33 -1.20 11.23
CA ASN A 72 15.04 -1.41 10.56
C ASN A 72 13.87 -1.58 11.53
N ALA A 73 14.11 -2.27 12.63
CA ALA A 73 13.08 -2.47 13.63
C ALA A 73 12.68 -1.14 14.24
N ARG A 74 13.68 -0.31 14.52
CA ARG A 74 13.43 0.98 15.13
C ARG A 74 12.59 1.87 14.24
N ASN A 75 12.88 1.83 12.95
CA ASN A 75 12.16 2.62 11.94
C ASN A 75 10.73 2.13 11.85
N ASP A 76 10.56 0.81 11.91
CA ASP A 76 9.24 0.20 11.92
C ASP A 76 8.44 0.68 13.14
N PHE A 77 9.10 0.74 14.29
CA PHE A 77 8.47 1.22 15.51
C PHE A 77 7.97 2.64 15.39
N LEU A 78 8.84 3.51 14.88
CA LEU A 78 8.52 4.94 14.75
C LEU A 78 7.38 5.11 13.78
N LYS A 79 7.34 4.30 12.74
CA LYS A 79 6.24 4.40 11.80
C LYS A 79 4.94 3.85 12.41
N GLU A 80 5.02 2.73 13.13
CA GLU A 80 3.86 2.19 13.83
C GLU A 80 3.22 3.24 14.70
N VAL A 81 4.05 3.98 15.43
CA VAL A 81 3.58 5.05 16.30
C VAL A 81 2.92 6.20 15.52
N LYS A 82 3.46 6.57 14.37
CA LYS A 82 2.85 7.61 13.55
C LYS A 82 1.47 7.18 13.05
N ILE A 83 1.35 5.92 12.67
CA ILE A 83 0.08 5.41 12.16
C ILE A 83 -1.01 5.41 13.23
N MET A 84 -0.66 5.03 14.46
CA MET A 84 -1.64 4.96 15.56
C MET A 84 -2.16 6.34 15.98
N SER A 85 -1.33 7.36 15.80
CA SER A 85 -1.67 8.73 16.20
C SER A 85 -2.91 9.25 15.46
N ARG A 86 -3.23 8.62 14.34
CA ARG A 86 -4.38 8.99 13.54
C ARG A 86 -5.70 8.61 14.22
N LEU A 87 -5.65 7.47 14.91
CA LEU A 87 -6.86 6.74 15.32
C LEU A 87 -7.54 7.24 16.58
N LYS A 88 -8.71 7.84 16.43
CA LYS A 88 -9.43 8.38 17.57
C LYS A 88 -10.89 7.96 17.49
N ASP A 89 -11.19 6.75 17.96
CA ASP A 89 -12.56 6.23 17.92
C ASP A 89 -12.76 5.25 19.08
N PRO A 90 -13.97 5.25 19.66
CA PRO A 90 -14.28 4.40 20.81
C PRO A 90 -13.94 2.92 20.58
N ASN A 91 -14.05 2.45 19.35
CA ASN A 91 -13.85 1.02 19.06
C ASN A 91 -12.55 0.77 18.28
N ILE A 92 -11.67 1.76 18.30
CA ILE A 92 -10.32 1.61 17.77
C ILE A 92 -9.32 1.82 18.91
N ILE A 93 -8.27 1.01 18.98
CA ILE A 93 -7.22 1.21 19.96
C ILE A 93 -6.63 2.62 19.89
N ARG A 94 -6.35 3.23 21.03
CA ARG A 94 -5.84 4.60 21.03
C ARG A 94 -4.50 4.70 21.72
N LEU A 95 -3.62 5.50 21.12
CA LEU A 95 -2.28 5.72 21.59
C LEU A 95 -2.25 6.74 22.73
N LEU A 96 -1.96 6.28 23.94
CA LEU A 96 -1.99 7.19 25.09
C LEU A 96 -0.80 8.14 25.14
N GLY A 97 0.34 7.69 24.65
CA GLY A 97 1.55 8.50 24.69
C GLY A 97 2.70 7.64 24.23
N VAL A 98 3.86 8.26 24.10
CA VAL A 98 5.00 7.55 23.57
C VAL A 98 6.28 7.97 24.29
N CYS A 99 7.27 7.09 24.28
CA CYS A 99 8.62 7.45 24.72
C CYS A 99 9.62 7.23 23.60
N VAL A 100 9.88 8.26 22.82
CA VAL A 100 10.64 8.11 21.60
C VAL A 100 11.99 8.81 21.68
N GLN A 101 12.11 9.80 22.54
CA GLN A 101 13.35 10.57 22.63
C GLN A 101 14.55 9.82 23.28
N ASP A 102 14.32 8.89 24.20
CA ASP A 102 15.44 8.18 24.83
C ASP A 102 15.51 6.69 24.50
N ASP A 103 16.54 6.04 25.03
CA ASP A 103 17.05 4.76 24.53
C ASP A 103 15.98 3.68 24.34
N PRO A 104 15.22 3.32 25.41
CA PRO A 104 14.23 2.28 25.14
C PRO A 104 12.93 2.88 24.62
N LEU A 105 12.56 2.52 23.39
CA LEU A 105 11.41 3.11 22.74
C LEU A 105 10.08 2.49 23.18
N CYS A 106 9.13 3.32 23.60
CA CYS A 106 7.87 2.83 24.14
C CYS A 106 6.64 3.36 23.43
N MET A 107 5.62 2.53 23.43
CA MET A 107 4.31 2.88 22.96
C MET A 107 3.38 2.58 24.11
N ILE A 108 2.53 3.53 24.46
CA ILE A 108 1.66 3.35 25.61
C ILE A 108 0.21 3.39 25.21
N THR A 109 -0.54 2.40 25.67
CA THR A 109 -1.95 2.34 25.33
C THR A 109 -2.75 1.84 26.53
N ASP A 110 -4.07 1.81 26.38
CA ASP A 110 -4.92 1.36 27.46
C ASP A 110 -4.79 -0.12 27.68
N TYR A 111 -4.75 -0.53 28.96
CA TYR A 111 -4.87 -1.96 29.26
C TYR A 111 -6.30 -2.40 29.03
N MET A 112 -6.49 -3.40 28.17
CA MET A 112 -7.78 -4.05 27.98
C MET A 112 -7.80 -5.34 28.80
N GLU A 113 -8.51 -5.30 29.92
CA GLU A 113 -8.40 -6.32 30.97
C GLU A 113 -8.86 -7.73 30.55
N ASN A 114 -9.60 -7.85 29.45
CA ASN A 114 -10.10 -9.15 29.08
C ASN A 114 -9.37 -9.77 27.87
N GLY A 115 -8.18 -9.24 27.55
CA GLY A 115 -7.33 -9.82 26.51
C GLY A 115 -7.85 -9.75 25.07
N ASP A 116 -7.28 -10.56 24.19
CA ASP A 116 -7.77 -10.52 22.82
C ASP A 116 -9.02 -11.39 22.67
N LEU A 117 -9.83 -11.00 21.70
CA LEU A 117 -11.17 -11.53 21.50
C LEU A 117 -11.16 -13.02 21.21
N ASN A 118 -10.12 -13.50 20.52
CA ASN A 118 -10.03 -14.92 20.21
C ASN A 118 -9.92 -15.78 21.47
N GLN A 119 -8.98 -15.42 22.33
CA GLN A 119 -8.81 -16.16 23.58
C GLN A 119 -10.03 -16.02 24.49
N PHE A 120 -10.62 -14.84 24.50
CA PHE A 120 -11.80 -14.58 25.31
C PHE A 120 -12.96 -15.51 24.90
N LEU A 121 -13.31 -15.50 23.61
CA LEU A 121 -14.43 -16.31 23.15
C LEU A 121 -14.13 -17.81 23.29
N SER A 122 -12.86 -18.19 23.13
CA SER A 122 -12.46 -19.58 23.30
C SER A 122 -12.74 -20.10 24.71
N ALA A 123 -12.89 -19.20 25.67
CA ALA A 123 -13.09 -19.59 27.07
C ALA A 123 -14.55 -19.65 27.49
N HIS A 124 -15.44 -19.29 26.57
CA HIS A 124 -16.87 -19.25 26.82
C HIS A 124 -17.61 -20.31 26.05
N GLN A 125 -18.81 -20.64 26.53
CA GLN A 125 -19.73 -21.47 25.78
C GLN A 125 -20.97 -20.65 25.46
N LEU A 126 -21.77 -21.12 24.52
CA LEU A 126 -22.98 -20.41 24.15
C LEU A 126 -24.09 -20.59 25.19
N GLU A 127 -24.75 -19.50 25.55
CA GLU A 127 -25.85 -19.54 26.52
C GLU A 127 -27.09 -20.32 26.06
N ASP A 128 -27.74 -21.04 26.98
CA ASP A 128 -28.99 -21.72 26.62
C ASP A 128 -30.04 -21.58 27.71
N LYS A 129 -31.05 -20.75 27.45
CA LYS A 129 -32.06 -20.44 28.43
C LYS A 129 -33.23 -21.43 28.42
N ALA A 130 -33.18 -22.43 27.55
CA ALA A 130 -34.21 -23.46 27.55
C ALA A 130 -33.76 -24.65 28.37
N ALA A 131 -32.58 -24.57 28.96
CA ALA A 131 -32.00 -25.72 29.64
C ALA A 131 -31.58 -25.43 31.08
N GLU A 132 -31.42 -26.51 31.83
CA GLU A 132 -30.75 -26.48 33.12
C GLU A 132 -29.60 -27.46 33.05
N GLY A 133 -28.38 -26.96 33.18
CA GLY A 133 -27.22 -27.83 33.09
C GLY A 133 -26.16 -27.50 34.11
N ALA A 134 -25.20 -28.41 34.28
CA ALA A 134 -24.07 -28.18 35.16
C ALA A 134 -23.22 -27.05 34.61
N PRO A 135 -22.80 -26.12 35.50
CA PRO A 135 -21.99 -24.97 35.10
C PRO A 135 -20.62 -25.38 34.60
N GLY A 136 -20.42 -25.29 33.29
CA GLY A 136 -19.09 -25.42 32.73
C GLY A 136 -18.49 -24.03 32.61
N ASP A 137 -18.02 -23.73 31.40
CA ASP A 137 -17.48 -22.42 31.06
C ASP A 137 -18.51 -21.30 31.20
N PRO A 138 -18.06 -20.06 31.45
CA PRO A 138 -18.93 -18.87 31.38
C PRO A 138 -19.68 -18.80 30.05
N THR A 139 -20.89 -18.28 30.09
CA THR A 139 -21.69 -18.23 28.88
C THR A 139 -21.67 -16.85 28.23
N ILE A 140 -22.06 -16.79 26.96
CA ILE A 140 -22.28 -15.54 26.28
C ILE A 140 -23.52 -15.74 25.43
N SER A 141 -24.43 -14.77 25.45
CA SER A 141 -25.70 -14.90 24.72
C SER A 141 -25.54 -14.49 23.26
N TYR A 142 -26.46 -14.94 22.40
CA TYR A 142 -26.46 -14.50 21.00
C TYR A 142 -26.58 -12.97 20.91
N PRO A 143 -27.47 -12.34 21.70
CA PRO A 143 -27.44 -10.87 21.67
C PRO A 143 -26.09 -10.23 22.01
N MET A 144 -25.31 -10.84 22.88
CA MET A 144 -24.00 -10.28 23.22
C MET A 144 -23.00 -10.49 22.10
N LEU A 145 -23.12 -11.60 21.40
CA LEU A 145 -22.26 -11.82 20.24
C LEU A 145 -22.52 -10.75 19.20
N LEU A 146 -23.78 -10.39 19.01
CA LEU A 146 -24.12 -9.33 18.08
C LEU A 146 -23.61 -7.97 18.55
N HIS A 147 -23.66 -7.72 19.85
CA HIS A 147 -23.13 -6.48 20.43
C HIS A 147 -21.64 -6.39 20.15
N VAL A 148 -20.97 -7.54 20.21
CA VAL A 148 -19.55 -7.60 19.96
C VAL A 148 -19.29 -7.29 18.50
N ALA A 149 -19.99 -7.98 17.61
CA ALA A 149 -19.86 -7.78 16.18
C ALA A 149 -20.20 -6.36 15.75
N ALA A 150 -21.21 -5.78 16.37
CA ALA A 150 -21.61 -4.45 15.99
C ALA A 150 -20.48 -3.45 16.24
N GLN A 151 -19.81 -3.58 17.39
CA GLN A 151 -18.76 -2.63 17.76
C GLN A 151 -17.63 -2.71 16.78
N ILE A 152 -17.36 -3.93 16.34
CA ILE A 152 -16.33 -4.15 15.34
C ILE A 152 -16.71 -3.44 14.05
N ALA A 153 -17.96 -3.58 13.64
CA ALA A 153 -18.45 -2.88 12.47
C ALA A 153 -18.34 -1.34 12.67
N SER A 154 -18.59 -0.86 13.87
CA SER A 154 -18.52 0.58 14.11
C SER A 154 -17.09 1.09 13.98
N GLY A 155 -16.14 0.32 14.49
CA GLY A 155 -14.74 0.66 14.36
C GLY A 155 -14.33 0.67 12.90
N MET A 156 -14.69 -0.38 12.16
CA MET A 156 -14.35 -0.44 10.75
C MET A 156 -15.01 0.68 9.99
N ARG A 157 -16.22 1.05 10.39
CA ARG A 157 -16.93 2.13 9.74
C ARG A 157 -16.15 3.44 9.87
N TYR A 158 -15.59 3.65 11.04
CA TYR A 158 -14.77 4.84 11.30
C TYR A 158 -13.50 4.78 10.46
N LEU A 159 -12.86 3.63 10.39
CA LEU A 159 -11.64 3.56 9.60
C LEU A 159 -11.96 3.85 8.13
N ALA A 160 -13.09 3.35 7.65
CA ALA A 160 -13.44 3.62 6.27
C ALA A 160 -13.61 5.13 6.01
N THR A 161 -14.07 5.90 7.00
CA THR A 161 -14.22 7.34 6.78
C THR A 161 -12.87 8.03 6.75
N LEU A 162 -11.86 7.34 7.27
CA LEU A 162 -10.51 7.86 7.19
C LEU A 162 -9.83 7.34 5.91
N ASN A 163 -10.56 6.57 5.11
CA ASN A 163 -9.98 5.84 3.98
C ASN A 163 -8.75 5.08 4.41
N PHE A 164 -8.83 4.53 5.61
CA PHE A 164 -7.77 3.74 6.23
C PHE A 164 -8.04 2.26 6.02
N VAL A 165 -7.06 1.56 5.46
CA VAL A 165 -7.20 0.11 5.26
C VAL A 165 -6.45 -0.71 6.31
N HIS A 166 -7.15 -1.64 6.97
CA HIS A 166 -6.56 -2.40 8.04
C HIS A 166 -5.63 -3.51 7.57
N ARG A 167 -6.17 -4.38 6.72
CA ARG A 167 -5.42 -5.43 6.02
C ARG A 167 -5.25 -6.72 6.82
N ASP A 168 -5.65 -6.74 8.08
CA ASP A 168 -5.46 -7.95 8.89
C ASP A 168 -6.51 -8.03 10.00
N LEU A 169 -7.74 -7.73 9.66
CA LEU A 169 -8.85 -7.90 10.56
C LEU A 169 -9.08 -9.41 10.86
N ALA A 170 -9.24 -9.74 12.14
CA ALA A 170 -9.44 -11.10 12.65
C ALA A 170 -9.63 -10.97 14.15
N THR A 171 -10.18 -12.01 14.79
CA THR A 171 -10.45 -11.90 16.22
C THR A 171 -9.15 -11.77 17.03
N ARG A 172 -8.08 -12.36 16.55
CA ARG A 172 -6.77 -12.25 17.21
C ARG A 172 -6.28 -10.79 17.32
N ASN A 173 -6.84 -9.90 16.49
CA ASN A 173 -6.46 -8.50 16.54
C ASN A 173 -7.53 -7.58 17.17
N CYS A 174 -8.52 -8.15 17.84
CA CYS A 174 -9.46 -7.33 18.60
C CYS A 174 -9.24 -7.50 20.11
N LEU A 175 -9.58 -6.47 20.88
CA LEU A 175 -9.32 -6.49 22.31
C LEU A 175 -10.60 -6.26 23.08
N VAL A 176 -10.70 -6.91 24.23
CA VAL A 176 -11.93 -6.83 25.00
C VAL A 176 -11.63 -6.11 26.30
N GLY A 177 -12.40 -5.07 26.55
CA GLY A 177 -12.29 -4.36 27.81
C GLY A 177 -13.46 -4.71 28.71
N GLU A 178 -13.73 -3.85 29.69
CA GLU A 178 -14.81 -4.04 30.62
C GLU A 178 -16.12 -4.03 29.89
N ASN A 179 -17.06 -4.84 30.36
CA ASN A 179 -18.40 -4.85 29.81
C ASN A 179 -18.48 -5.06 28.32
N PHE A 180 -17.62 -5.94 27.82
CA PHE A 180 -17.65 -6.38 26.42
C PHE A 180 -17.44 -5.25 25.44
N THR A 181 -16.74 -4.21 25.86
CA THR A 181 -16.38 -3.18 24.92
C THR A 181 -15.24 -3.74 24.09
N ILE A 182 -15.30 -3.54 22.78
CA ILE A 182 -14.30 -4.08 21.89
C ILE A 182 -13.52 -2.95 21.22
N LYS A 183 -12.21 -3.13 21.09
CA LYS A 183 -11.43 -2.26 20.20
C LYS A 183 -10.61 -3.03 19.17
N ILE A 184 -10.62 -2.55 17.93
CA ILE A 184 -9.75 -3.12 16.91
C ILE A 184 -8.30 -2.64 17.02
N ALA A 185 -7.35 -3.56 16.83
CA ALA A 185 -5.94 -3.24 16.88
C ALA A 185 -5.18 -3.95 15.77
N ASP A 186 -3.85 -3.88 15.83
CA ASP A 186 -3.05 -4.65 14.89
C ASP A 186 -1.69 -4.99 15.47
N PHE A 187 -1.52 -6.25 15.85
CA PHE A 187 -0.28 -6.70 16.48
C PHE A 187 0.79 -7.08 15.48
N GLY A 188 0.50 -6.92 14.19
CA GLY A 188 1.47 -7.37 13.20
C GLY A 188 1.35 -8.87 13.10
N MET A 189 2.36 -9.54 12.55
CA MET A 189 2.17 -10.95 12.22
C MET A 189 3.24 -11.88 12.78
N SER A 190 3.82 -11.52 13.94
CA SER A 190 4.94 -12.28 14.46
C SER A 190 4.69 -13.04 15.78
N ARG A 191 3.52 -12.86 16.38
CA ARG A 191 3.20 -13.59 17.62
C ARG A 191 3.04 -15.07 17.32
N ASN A 192 3.83 -15.88 18.01
CA ASN A 192 3.91 -17.30 17.69
C ASN A 192 2.63 -18.05 17.95
N LEU A 193 1.74 -17.47 18.77
CA LEU A 193 0.48 -18.12 19.07
C LEU A 193 -0.39 -18.30 17.82
N TYR A 194 -0.25 -17.36 16.88
CA TYR A 194 -1.15 -17.34 15.74
C TYR A 194 -0.39 -17.52 14.44
N ALA A 195 0.85 -17.98 14.55
CA ALA A 195 1.70 -18.19 13.39
C ALA A 195 1.02 -19.01 12.28
N GLY A 196 0.03 -19.84 12.65
CA GLY A 196 -0.71 -20.66 11.69
C GLY A 196 -1.77 -19.93 10.86
N ASP A 197 -2.04 -18.66 11.18
CA ASP A 197 -3.06 -17.89 10.50
C ASP A 197 -2.43 -17.08 9.36
N TYR A 198 -1.16 -17.35 9.11
CA TYR A 198 -0.40 -16.61 8.16
C TYR A 198 0.37 -17.56 7.28
N TYR A 199 0.31 -17.32 5.99
CA TYR A 199 1.04 -18.11 5.03
C TYR A 199 2.30 -17.32 4.65
N ARG A 200 3.44 -17.99 4.66
CA ARG A 200 4.68 -17.27 4.40
C ARG A 200 5.64 -18.03 3.50
N VAL A 201 6.02 -17.37 2.43
CA VAL A 201 6.93 -17.87 1.41
C VAL A 201 8.16 -16.97 1.40
N GLN A 202 9.36 -17.55 1.30
CA GLN A 202 10.59 -16.79 1.18
C GLN A 202 10.52 -15.77 0.05
N GLY A 203 10.95 -14.55 0.33
CA GLY A 203 10.99 -13.50 -0.67
C GLY A 203 9.67 -12.76 -0.85
N ARG A 204 8.65 -13.20 -0.14
CA ARG A 204 7.31 -12.68 -0.32
C ARG A 204 6.76 -12.06 0.96
N ALA A 205 5.62 -11.40 0.84
CA ALA A 205 4.95 -10.76 1.96
C ALA A 205 4.18 -11.85 2.72
N VAL A 206 4.04 -11.68 4.04
CA VAL A 206 3.30 -12.62 4.90
C VAL A 206 1.80 -12.41 4.81
N LEU A 207 1.02 -13.45 4.58
CA LEU A 207 -0.37 -13.21 4.27
C LEU A 207 -1.36 -14.00 5.11
N PRO A 208 -2.39 -13.32 5.62
CA PRO A 208 -3.48 -13.99 6.34
C PRO A 208 -4.53 -14.53 5.35
N ILE A 209 -4.17 -15.53 4.55
CA ILE A 209 -5.01 -15.93 3.41
C ILE A 209 -6.40 -16.44 3.78
N ARG A 210 -6.59 -17.02 4.95
CA ARG A 210 -7.92 -17.52 5.34
C ARG A 210 -8.90 -16.39 5.64
N TRP A 211 -8.38 -15.19 5.82
CA TRP A 211 -9.22 -14.02 6.04
C TRP A 211 -9.24 -13.13 4.79
N MET A 212 -8.51 -13.52 3.74
CA MET A 212 -8.36 -12.61 2.61
C MET A 212 -9.32 -12.89 1.47
N ALA A 213 -9.90 -11.81 0.95
CA ALA A 213 -10.69 -11.87 -0.28
C ALA A 213 -9.87 -12.38 -1.46
N TRP A 214 -10.55 -13.04 -2.39
CA TRP A 214 -9.86 -13.71 -3.51
C TRP A 214 -8.96 -12.80 -4.33
N GLU A 215 -9.39 -11.57 -4.56
CA GLU A 215 -8.53 -10.69 -5.35
C GLU A 215 -7.28 -10.31 -4.56
N CYS A 216 -7.34 -10.38 -3.23
CA CYS A 216 -6.17 -10.09 -2.43
C CYS A 216 -5.20 -11.19 -2.56
N ILE A 217 -5.71 -12.41 -2.54
CA ILE A 217 -4.83 -13.55 -2.65
C ILE A 217 -4.17 -13.59 -4.04
N LEU A 218 -4.92 -13.29 -5.09
CA LEU A 218 -4.34 -13.41 -6.43
C LEU A 218 -3.46 -12.22 -6.78
N MET A 219 -3.90 -11.02 -6.41
CA MET A 219 -3.24 -9.80 -6.90
C MET A 219 -2.42 -9.04 -5.83
N GLY A 220 -2.63 -9.37 -4.55
CA GLY A 220 -1.82 -8.84 -3.46
C GLY A 220 -2.09 -7.42 -3.00
N LYS A 221 -3.15 -6.81 -3.50
CA LYS A 221 -3.56 -5.47 -3.10
C LYS A 221 -4.80 -5.50 -2.16
N PHE A 222 -4.77 -4.63 -1.15
CA PHE A 222 -5.83 -4.54 -0.14
C PHE A 222 -6.70 -3.30 -0.22
N THR A 223 -8.00 -3.42 0.01
CA THR A 223 -8.87 -2.26 -0.10
C THR A 223 -9.89 -2.32 1.00
N THR A 224 -10.76 -1.33 1.08
CA THR A 224 -11.84 -1.41 2.05
C THR A 224 -12.75 -2.58 1.69
N ALA A 225 -13.01 -2.76 0.40
CA ALA A 225 -13.82 -3.89 -0.09
C ALA A 225 -13.28 -5.21 0.42
N SER A 226 -11.96 -5.33 0.48
CA SER A 226 -11.37 -6.51 1.08
C SER A 226 -11.44 -6.56 2.64
N ASP A 227 -11.44 -5.40 3.30
CA ASP A 227 -11.62 -5.38 4.75
C ASP A 227 -13.00 -5.97 5.07
N VAL A 228 -13.97 -5.65 4.22
CA VAL A 228 -15.35 -6.11 4.40
C VAL A 228 -15.39 -7.65 4.29
N TRP A 229 -14.64 -8.21 3.36
CA TRP A 229 -14.51 -9.65 3.28
C TRP A 229 -13.99 -10.20 4.60
N ALA A 230 -12.88 -9.65 5.07
CA ALA A 230 -12.26 -10.15 6.28
C ALA A 230 -13.21 -10.01 7.47
N PHE A 231 -14.03 -8.96 7.46
CA PHE A 231 -15.01 -8.77 8.51
C PHE A 231 -16.02 -9.91 8.50
N GLY A 232 -16.45 -10.32 7.31
CA GLY A 232 -17.31 -11.49 7.16
C GLY A 232 -16.73 -12.73 7.82
N VAL A 233 -15.42 -12.91 7.69
CA VAL A 233 -14.71 -14.05 8.29
C VAL A 233 -14.58 -13.92 9.83
N THR A 234 -14.25 -12.72 10.28
CA THR A 234 -14.21 -12.38 11.69
C THR A 234 -15.57 -12.57 12.39
N LEU A 235 -16.66 -12.16 11.74
CA LEU A 235 -18.02 -12.45 12.21
C LEU A 235 -18.28 -13.97 12.31
N TRP A 236 -17.84 -14.70 11.29
CA TRP A 236 -17.89 -16.16 11.33
C TRP A 236 -17.16 -16.73 12.56
N GLU A 237 -15.98 -16.17 12.86
CA GLU A 237 -15.21 -16.58 14.04
C GLU A 237 -15.99 -16.37 15.34
N VAL A 238 -16.56 -15.19 15.47
CA VAL A 238 -17.32 -14.82 16.65
C VAL A 238 -18.46 -15.81 16.88
N LEU A 239 -19.20 -16.12 15.81
CA LEU A 239 -20.33 -17.06 15.94
C LEU A 239 -19.89 -18.52 16.12
N MET A 240 -18.66 -18.84 15.72
CA MET A 240 -18.05 -20.13 16.06
C MET A 240 -17.50 -20.18 17.51
N LEU A 241 -17.62 -19.10 18.25
CA LEU A 241 -16.87 -18.89 19.49
C LEU A 241 -15.40 -19.25 19.31
N CYS A 242 -14.86 -18.96 18.12
CA CYS A 242 -13.44 -19.17 17.80
C CYS A 242 -12.95 -20.59 18.02
N ARG A 243 -13.84 -21.54 17.77
CA ARG A 243 -13.56 -22.95 18.00
C ARG A 243 -12.81 -23.57 16.83
N ALA A 244 -12.82 -22.89 15.69
CA ALA A 244 -12.17 -23.43 14.53
C ALA A 244 -11.48 -22.36 13.74
N GLN A 245 -10.43 -22.76 13.05
CA GLN A 245 -9.80 -21.90 12.10
C GLN A 245 -10.67 -21.93 10.83
N PRO A 246 -10.85 -20.77 10.18
CA PRO A 246 -11.55 -20.74 8.89
C PRO A 246 -10.93 -21.70 7.84
N PHE A 247 -11.80 -22.40 7.10
CA PHE A 247 -11.42 -23.44 6.12
C PHE A 247 -10.51 -24.48 6.74
N GLY A 248 -10.70 -24.70 8.03
CA GLY A 248 -9.80 -25.52 8.82
C GLY A 248 -9.39 -26.86 8.24
N GLN A 249 -10.29 -27.52 7.53
CA GLN A 249 -9.93 -28.83 6.95
C GLN A 249 -9.17 -28.66 5.64
N LEU A 250 -9.05 -27.43 5.17
CA LEU A 250 -8.29 -27.16 3.93
C LEU A 250 -6.85 -26.78 4.24
N THR A 251 -5.93 -27.25 3.41
CA THR A 251 -4.54 -26.75 3.43
C THR A 251 -4.44 -25.34 2.86
N ASP A 252 -3.34 -24.67 3.15
CA ASP A 252 -3.06 -23.35 2.57
C ASP A 252 -3.12 -23.36 1.03
N GLU A 253 -2.50 -24.35 0.39
CA GLU A 253 -2.59 -24.46 -1.06
C GLU A 253 -4.03 -24.48 -1.52
N GLN A 254 -4.88 -25.23 -0.81
CA GLN A 254 -6.28 -25.39 -1.17
C GLN A 254 -7.04 -24.08 -1.01
N VAL A 255 -6.66 -23.31 0.00
CA VAL A 255 -7.31 -22.04 0.25
C VAL A 255 -6.97 -21.06 -0.86
N ILE A 256 -5.71 -21.09 -1.29
CA ILE A 256 -5.27 -20.27 -2.40
C ILE A 256 -5.92 -20.69 -3.71
N GLU A 257 -6.01 -22.00 -3.94
CA GLU A 257 -6.73 -22.51 -5.11
C GLU A 257 -8.16 -22.01 -5.13
N ASN A 258 -8.79 -21.99 -3.96
CA ASN A 258 -10.19 -21.59 -3.88
C ASN A 258 -10.37 -20.16 -4.36
N ALA A 259 -9.37 -19.31 -4.13
CA ALA A 259 -9.40 -17.91 -4.58
C ALA A 259 -9.40 -17.91 -6.10
N GLY A 260 -8.62 -18.81 -6.68
CA GLY A 260 -8.60 -18.96 -8.12
C GLY A 260 -9.98 -19.36 -8.61
N GLU A 261 -10.70 -20.16 -7.83
CA GLU A 261 -11.98 -20.67 -8.30
C GLU A 261 -12.97 -19.54 -8.31
N PHE A 262 -12.84 -18.60 -7.38
CA PHE A 262 -13.62 -17.35 -7.40
C PHE A 262 -13.35 -16.53 -8.66
N PHE A 263 -12.08 -16.46 -9.06
CA PHE A 263 -11.68 -15.71 -10.24
C PHE A 263 -12.29 -16.38 -11.48
N ARG A 264 -12.22 -17.71 -11.56
CA ARG A 264 -12.82 -18.43 -12.69
C ARG A 264 -14.32 -18.21 -12.81
N ASP A 265 -15.00 -18.25 -11.66
CA ASP A 265 -16.43 -18.06 -11.56
C ASP A 265 -17.23 -19.08 -12.40
N GLN A 266 -16.92 -20.36 -12.21
CA GLN A 266 -17.63 -21.45 -12.86
C GLN A 266 -18.37 -22.32 -11.82
N GLY A 267 -18.68 -21.72 -10.68
CA GLY A 267 -19.49 -22.40 -9.67
C GLY A 267 -18.76 -23.44 -8.84
N ARG A 268 -17.46 -23.24 -8.63
CA ARG A 268 -16.67 -24.23 -7.91
C ARG A 268 -16.00 -23.64 -6.68
N GLN A 269 -16.21 -22.36 -6.42
CA GLN A 269 -15.69 -21.74 -5.22
C GLN A 269 -16.53 -22.23 -4.06
N VAL A 270 -15.92 -22.35 -2.88
CA VAL A 270 -16.61 -22.79 -1.69
C VAL A 270 -16.52 -21.72 -0.66
N TYR A 271 -17.51 -21.72 0.23
CA TYR A 271 -17.62 -20.75 1.31
C TYR A 271 -17.50 -21.37 2.69
N LEU A 272 -17.30 -20.52 3.70
CA LEU A 272 -17.41 -20.99 5.07
C LEU A 272 -18.85 -21.41 5.37
N SER A 273 -18.99 -22.51 6.12
CA SER A 273 -20.31 -23.05 6.49
C SER A 273 -21.03 -22.22 7.53
N ARG A 274 -22.35 -22.42 7.62
CA ARG A 274 -23.14 -21.75 8.65
C ARG A 274 -22.72 -22.28 10.04
N PRO A 275 -22.29 -21.39 10.94
CA PRO A 275 -21.93 -21.82 12.31
C PRO A 275 -23.15 -22.36 13.06
N PRO A 276 -22.95 -23.37 13.94
CA PRO A 276 -24.04 -23.92 14.74
C PRO A 276 -24.92 -22.87 15.39
N ALA A 277 -24.34 -21.80 15.92
CA ALA A 277 -25.18 -20.78 16.56
C ALA A 277 -26.06 -20.03 15.56
N CYS A 278 -25.51 -19.84 14.38
CA CYS A 278 -25.91 -18.76 13.50
C CYS A 278 -27.21 -18.93 12.74
N PRO A 279 -28.17 -18.01 12.98
CA PRO A 279 -29.44 -17.92 12.23
C PRO A 279 -29.17 -17.71 10.75
N GLN A 280 -30.04 -18.24 9.88
CA GLN A 280 -29.80 -18.20 8.44
C GLN A 280 -29.62 -16.78 7.94
N GLY A 281 -30.44 -15.85 8.44
CA GLY A 281 -30.35 -14.45 8.04
C GLY A 281 -29.00 -13.79 8.34
N LEU A 282 -28.45 -14.10 9.50
CA LEU A 282 -27.18 -13.50 9.86
C LEU A 282 -26.12 -14.09 8.94
N TYR A 283 -26.32 -15.35 8.59
CA TYR A 283 -25.42 -16.07 7.73
C TYR A 283 -25.42 -15.50 6.33
N GLU A 284 -26.60 -15.20 5.84
CA GLU A 284 -26.74 -14.66 4.49
C GLU A 284 -26.07 -13.29 4.44
N LEU A 285 -25.97 -12.63 5.58
CA LEU A 285 -25.24 -11.38 5.62
C LEU A 285 -23.73 -11.61 5.41
N MET A 286 -23.23 -12.70 5.98
CA MET A 286 -21.84 -13.09 5.83
C MET A 286 -21.56 -13.42 4.36
N LEU A 287 -22.53 -14.05 3.72
CA LEU A 287 -22.43 -14.35 2.29
C LEU A 287 -22.29 -13.09 1.46
N ARG A 288 -23.04 -12.04 1.78
CA ARG A 288 -22.92 -10.82 1.01
C ARG A 288 -21.52 -10.20 1.14
N CYS A 289 -20.90 -10.36 2.29
CA CYS A 289 -19.54 -9.89 2.51
C CYS A 289 -18.54 -10.62 1.63
N TRP A 290 -18.91 -11.82 1.13
CA TRP A 290 -18.05 -12.67 0.29
C TRP A 290 -18.50 -12.69 -1.19
N SER A 291 -19.16 -11.62 -1.64
CA SER A 291 -19.50 -11.48 -3.05
C SER A 291 -18.21 -11.45 -3.87
N ARG A 292 -18.20 -12.09 -5.04
CA ARG A 292 -17.05 -12.04 -5.93
C ARG A 292 -16.69 -10.58 -6.28
N GLU A 293 -17.70 -9.79 -6.58
CA GLU A 293 -17.48 -8.39 -6.96
C GLU A 293 -17.34 -7.52 -5.72
N SER A 294 -16.26 -6.75 -5.69
CA SER A 294 -15.97 -5.85 -4.59
C SER A 294 -17.15 -4.96 -4.25
N GLU A 295 -17.66 -4.28 -5.27
CA GLU A 295 -18.65 -3.22 -5.11
C GLU A 295 -20.05 -3.71 -4.72
N GLN A 296 -20.23 -5.03 -4.62
CA GLN A 296 -21.52 -5.60 -4.19
C GLN A 296 -21.52 -5.93 -2.69
N ARG A 297 -20.34 -6.01 -2.09
CA ARG A 297 -20.23 -6.21 -0.65
C ARG A 297 -20.82 -4.98 0.07
N PRO A 298 -21.58 -5.21 1.15
CA PRO A 298 -22.25 -4.14 1.88
C PRO A 298 -21.23 -3.19 2.49
N PRO A 299 -21.53 -1.89 2.55
CA PRO A 299 -20.65 -1.00 3.31
C PRO A 299 -20.77 -1.25 4.84
N PHE A 300 -19.72 -0.91 5.59
CA PHE A 300 -19.71 -1.09 7.04
C PHE A 300 -20.87 -0.43 7.74
N SER A 301 -21.26 0.73 7.23
CA SER A 301 -22.43 1.42 7.74
C SER A 301 -23.65 0.53 7.66
N GLN A 302 -23.79 -0.18 6.54
CA GLN A 302 -24.94 -1.05 6.32
C GLN A 302 -24.80 -2.29 7.16
N LEU A 303 -23.58 -2.76 7.33
CA LEU A 303 -23.30 -3.83 8.27
C LEU A 303 -23.64 -3.44 9.69
N HIS A 304 -23.15 -2.27 10.07
CA HIS A 304 -23.34 -1.86 11.43
C HIS A 304 -24.83 -1.72 11.74
N ARG A 305 -25.56 -1.14 10.81
CA ARG A 305 -26.99 -0.94 11.02
C ARG A 305 -27.75 -2.26 11.18
N PHE A 306 -27.31 -3.30 10.48
CA PHE A 306 -27.96 -4.59 10.55
C PHE A 306 -27.73 -5.21 11.93
N LEU A 307 -26.47 -5.24 12.32
CA LEU A 307 -26.09 -5.93 13.55
C LEU A 307 -26.54 -5.22 14.82
N ALA A 308 -26.69 -3.90 14.77
CA ALA A 308 -27.01 -3.17 15.99
C ALA A 308 -28.49 -2.98 16.17
N GLU A 309 -29.28 -3.51 15.25
CA GLU A 309 -30.73 -3.39 15.38
C GLU A 309 -31.27 -4.18 16.58
N ARG B 10 10.13 20.79 -40.17
CA ARG B 10 9.48 19.52 -39.85
C ARG B 10 8.13 19.42 -40.55
N VAL B 11 7.99 18.44 -41.42
CA VAL B 11 6.70 18.21 -42.07
C VAL B 11 5.86 17.31 -41.18
N ASP B 12 4.54 17.42 -41.27
CA ASP B 12 3.66 16.62 -40.44
C ASP B 12 3.63 15.18 -40.93
N PHE B 13 3.42 14.27 -39.99
CA PHE B 13 3.09 12.90 -40.37
C PHE B 13 1.71 12.90 -41.05
N PRO B 14 1.53 12.05 -42.07
CA PRO B 14 0.20 12.05 -42.69
C PRO B 14 -0.84 11.46 -41.74
N ARG B 15 -1.63 12.34 -41.16
CA ARG B 15 -2.63 11.98 -40.14
C ARG B 15 -3.63 10.93 -40.62
N SER B 16 -3.86 10.87 -41.93
CA SER B 16 -4.79 9.89 -42.50
C SER B 16 -4.29 8.45 -42.39
N ARG B 17 -3.00 8.28 -42.16
CA ARG B 17 -2.38 6.95 -42.00
C ARG B 17 -2.36 6.45 -40.54
N LEU B 18 -3.05 7.17 -39.66
CA LEU B 18 -3.17 6.77 -38.26
C LEU B 18 -4.54 6.19 -38.04
N ARG B 19 -4.63 4.86 -38.07
CA ARG B 19 -5.92 4.20 -37.90
C ARG B 19 -6.08 3.97 -36.41
N PHE B 20 -7.07 4.59 -35.80
CA PHE B 20 -7.30 4.38 -34.38
C PHE B 20 -7.66 2.93 -34.14
N LYS B 21 -7.01 2.34 -33.15
CA LYS B 21 -7.18 0.93 -32.86
C LYS B 21 -7.78 0.72 -31.46
N GLU B 22 -7.22 1.42 -30.46
CA GLU B 22 -7.72 1.30 -29.10
C GLU B 22 -7.23 2.46 -28.24
N LYS B 23 -8.08 2.93 -27.32
CA LYS B 23 -7.69 3.96 -26.36
C LYS B 23 -6.81 3.44 -25.22
N LEU B 24 -5.61 3.98 -25.06
CA LEU B 24 -4.69 3.44 -24.05
C LEU B 24 -4.80 4.14 -22.71
N GLY B 25 -5.16 5.42 -22.73
CA GLY B 25 -5.27 6.19 -21.51
C GLY B 25 -5.67 7.62 -21.84
N GLU B 26 -6.05 8.38 -20.83
CA GLU B 26 -6.52 9.75 -21.07
C GLU B 26 -6.38 10.65 -19.85
N GLY B 27 -6.17 11.94 -20.12
CA GLY B 27 -5.95 12.94 -19.09
C GLY B 27 -6.86 14.12 -19.38
N GLN B 28 -6.62 15.22 -18.70
CA GLN B 28 -7.54 16.35 -18.75
C GLN B 28 -7.68 16.99 -20.13
N PHE B 29 -6.59 17.10 -20.89
CA PHE B 29 -6.67 17.80 -22.16
C PHE B 29 -6.41 16.93 -23.36
N GLY B 30 -6.06 15.68 -23.15
CA GLY B 30 -5.83 14.79 -24.28
C GLY B 30 -5.98 13.32 -23.97
N GLU B 31 -5.93 12.51 -25.01
CA GLU B 31 -6.00 11.05 -24.86
C GLU B 31 -4.87 10.36 -25.59
N VAL B 32 -4.59 9.12 -25.18
CA VAL B 32 -3.52 8.32 -25.79
C VAL B 32 -4.13 7.14 -26.48
N HIS B 33 -3.91 7.07 -27.79
CA HIS B 33 -4.47 5.99 -28.57
C HIS B 33 -3.41 5.09 -29.19
N LEU B 34 -3.75 3.81 -29.29
CA LEU B 34 -2.97 2.88 -30.06
C LEU B 34 -3.42 3.00 -31.51
N CYS B 35 -2.45 3.21 -32.40
CA CYS B 35 -2.76 3.37 -33.81
C CYS B 35 -1.89 2.45 -34.63
N GLU B 36 -2.49 1.98 -35.73
CA GLU B 36 -1.80 1.20 -36.74
C GLU B 36 -1.56 2.07 -37.98
N VAL B 37 -0.40 1.92 -38.62
CA VAL B 37 -0.15 2.64 -39.85
C VAL B 37 -0.18 1.64 -40.99
N ASP B 38 -1.25 1.69 -41.75
CA ASP B 38 -1.49 0.70 -42.80
C ASP B 38 -0.53 0.82 -43.99
N SER B 39 -0.07 -0.33 -44.46
CA SER B 39 0.81 -0.48 -45.62
C SER B 39 1.92 0.58 -45.64
N PRO B 40 2.81 0.52 -44.64
CA PRO B 40 3.78 1.60 -44.50
C PRO B 40 4.82 1.61 -45.62
N GLN B 41 4.76 0.68 -46.56
CA GLN B 41 5.71 0.73 -47.65
C GLN B 41 5.30 1.76 -48.70
N ASP B 42 4.21 2.49 -48.40
CA ASP B 42 3.77 3.58 -49.23
C ASP B 42 4.41 4.86 -48.75
N LEU B 43 5.11 4.77 -47.61
CA LEU B 43 5.57 5.97 -46.93
C LEU B 43 7.07 5.98 -46.73
N VAL B 44 7.78 5.15 -47.50
CA VAL B 44 9.22 5.04 -47.39
C VAL B 44 9.87 6.39 -47.68
N SER B 45 9.32 7.07 -48.69
CA SER B 45 9.85 8.34 -49.17
C SER B 45 9.84 9.42 -48.10
N LEU B 46 8.98 9.27 -47.11
CA LEU B 46 9.02 10.11 -45.93
C LEU B 46 9.60 9.29 -44.79
N ASP B 47 10.93 9.29 -44.65
CA ASP B 47 11.58 8.48 -43.63
C ASP B 47 11.17 8.93 -42.22
N PHE B 48 11.24 8.00 -41.28
CA PHE B 48 10.45 8.07 -40.07
C PHE B 48 11.24 7.77 -38.79
N HIS B 56 2.65 -8.67 -38.55
CA HIS B 56 3.67 -7.62 -38.48
C HIS B 56 3.10 -6.22 -38.67
N PRO B 57 2.02 -5.86 -37.95
CA PRO B 57 1.54 -4.49 -38.14
C PRO B 57 2.46 -3.48 -37.48
N LEU B 58 2.62 -2.30 -38.07
CA LEU B 58 3.43 -1.29 -37.41
C LEU B 58 2.46 -0.50 -36.51
N LEU B 59 2.71 -0.57 -35.20
CA LEU B 59 1.89 0.10 -34.20
C LEU B 59 2.60 1.30 -33.59
N VAL B 60 1.90 2.42 -33.51
CA VAL B 60 2.44 3.58 -32.81
C VAL B 60 1.45 4.07 -31.75
N ALA B 61 1.97 4.63 -30.66
CA ALA B 61 1.11 5.27 -29.68
C ALA B 61 1.09 6.75 -29.99
N VAL B 62 -0.09 7.36 -29.88
CA VAL B 62 -0.34 8.75 -30.22
C VAL B 62 -1.01 9.52 -29.08
N LYS B 63 -0.58 10.76 -28.81
CA LYS B 63 -1.28 11.65 -27.89
C LYS B 63 -1.99 12.77 -28.66
N ILE B 64 -3.32 12.83 -28.52
CA ILE B 64 -4.12 13.80 -29.23
C ILE B 64 -4.87 14.70 -28.28
N LEU B 65 -4.83 15.99 -28.55
CA LEU B 65 -5.60 16.94 -27.77
C LEU B 65 -7.10 16.78 -28.03
N ARG B 66 -7.90 16.77 -26.98
CA ARG B 66 -9.35 16.76 -27.12
C ARG B 66 -9.75 17.99 -27.93
N PRO B 67 -10.79 17.88 -28.78
CA PRO B 67 -11.16 18.91 -29.77
C PRO B 67 -11.36 20.31 -29.19
N ASP B 68 -11.92 20.37 -28.00
CA ASP B 68 -12.23 21.63 -27.36
C ASP B 68 -11.02 22.19 -26.60
N ALA B 69 -9.83 21.73 -26.96
CA ALA B 69 -8.62 22.11 -26.23
C ALA B 69 -8.37 23.60 -26.31
N THR B 70 -8.12 24.19 -25.15
CA THR B 70 -7.87 25.62 -25.02
C THR B 70 -6.53 26.04 -25.62
N LYS B 71 -6.36 27.35 -25.79
CA LYS B 71 -5.10 27.85 -26.32
C LYS B 71 -3.97 27.52 -25.36
N ASN B 72 -4.22 27.60 -24.06
CA ASN B 72 -3.21 27.26 -23.06
C ASN B 72 -2.82 25.79 -23.18
N ALA B 73 -3.77 24.95 -23.53
CA ALA B 73 -3.52 23.54 -23.74
C ALA B 73 -2.60 23.32 -24.92
N ARG B 74 -2.87 24.06 -25.97
CA ARG B 74 -2.12 23.97 -27.21
C ARG B 74 -0.68 24.36 -27.00
N ASN B 75 -0.44 25.44 -26.24
CA ASN B 75 0.91 25.90 -25.99
C ASN B 75 1.70 24.89 -25.18
N ASP B 76 1.04 24.26 -24.21
CA ASP B 76 1.69 23.23 -23.40
C ASP B 76 2.10 22.06 -24.27
N PHE B 77 1.20 21.70 -25.17
CA PHE B 77 1.48 20.61 -26.09
C PHE B 77 2.73 20.93 -26.90
N LEU B 78 2.83 22.15 -27.40
CA LEU B 78 3.96 22.53 -28.24
C LEU B 78 5.27 22.53 -27.46
N LYS B 79 5.24 22.93 -26.19
CA LYS B 79 6.44 22.89 -25.34
C LYS B 79 6.86 21.48 -25.01
N GLU B 80 5.87 20.64 -24.74
CA GLU B 80 6.10 19.22 -24.50
C GLU B 80 6.87 18.60 -25.67
N VAL B 81 6.39 18.87 -26.87
CA VAL B 81 7.03 18.38 -28.06
C VAL B 81 8.48 18.87 -28.18
N LYS B 82 8.68 20.16 -27.92
CA LYS B 82 9.99 20.79 -27.98
C LYS B 82 10.96 20.13 -26.99
N ILE B 83 10.49 19.88 -25.77
CA ILE B 83 11.32 19.21 -24.78
C ILE B 83 11.65 17.78 -25.24
N MET B 84 10.66 17.09 -25.79
CA MET B 84 10.89 15.71 -26.21
C MET B 84 11.82 15.60 -27.39
N SER B 85 11.87 16.64 -28.22
CA SER B 85 12.67 16.57 -29.43
C SER B 85 14.15 16.38 -29.13
N ARG B 86 14.62 16.84 -27.98
CA ARG B 86 16.03 16.63 -27.64
C ARG B 86 16.37 15.21 -27.22
N LEU B 87 15.43 14.52 -26.57
CA LEU B 87 15.78 13.29 -25.85
C LEU B 87 15.99 12.09 -26.77
N LYS B 88 17.24 11.62 -26.82
CA LYS B 88 17.65 10.54 -27.71
C LYS B 88 18.49 9.52 -26.96
N ASP B 89 17.84 8.57 -26.30
CA ASP B 89 18.56 7.54 -25.54
C ASP B 89 17.72 6.27 -25.50
N PRO B 90 18.37 5.10 -25.52
CA PRO B 90 17.70 3.79 -25.50
C PRO B 90 16.65 3.64 -24.41
N ASN B 91 16.86 4.27 -23.27
CA ASN B 91 15.93 4.12 -22.15
C ASN B 91 15.10 5.35 -21.87
N ILE B 92 15.05 6.26 -22.85
CA ILE B 92 14.16 7.42 -22.78
C ILE B 92 13.18 7.39 -23.94
N ILE B 93 11.92 7.76 -23.68
CA ILE B 93 10.95 7.83 -24.74
C ILE B 93 11.42 8.77 -25.88
N ARG B 94 11.12 8.37 -27.10
CA ARG B 94 11.56 9.06 -28.30
C ARG B 94 10.38 9.56 -29.14
N LEU B 95 10.48 10.79 -29.64
CA LEU B 95 9.43 11.40 -30.46
C LEU B 95 9.53 11.00 -31.93
N LEU B 96 8.64 10.14 -32.40
CA LEU B 96 8.71 9.69 -33.78
C LEU B 96 8.21 10.77 -34.74
N GLY B 97 7.30 11.63 -34.30
CA GLY B 97 6.76 12.62 -35.20
C GLY B 97 5.56 13.32 -34.63
N VAL B 98 5.05 14.31 -35.36
CA VAL B 98 3.93 15.13 -34.89
C VAL B 98 2.91 15.46 -36.01
N CYS B 99 1.68 15.76 -35.59
CA CYS B 99 0.66 16.36 -36.47
C CYS B 99 0.24 17.68 -35.86
N VAL B 100 0.92 18.76 -36.23
CA VAL B 100 0.75 20.03 -35.55
C VAL B 100 0.21 21.13 -36.49
N GLN B 101 0.39 20.93 -37.78
CA GLN B 101 0.03 21.94 -38.75
C GLN B 101 -1.48 22.13 -38.93
N ASP B 102 -2.29 21.07 -38.77
CA ASP B 102 -3.75 21.23 -38.86
C ASP B 102 -4.51 20.86 -37.57
N ASP B 103 -5.83 20.98 -37.61
CA ASP B 103 -6.67 21.24 -36.44
C ASP B 103 -6.43 20.41 -35.17
N PRO B 104 -6.50 19.07 -35.21
CA PRO B 104 -6.24 18.32 -33.96
C PRO B 104 -4.76 17.94 -33.75
N LEU B 105 -4.14 18.41 -32.67
CA LEU B 105 -2.70 18.21 -32.44
C LEU B 105 -2.35 16.82 -31.91
N CYS B 106 -1.39 16.17 -32.58
CA CYS B 106 -0.98 14.80 -32.32
C CYS B 106 0.52 14.71 -32.13
N MET B 107 0.92 13.79 -31.25
CA MET B 107 2.32 13.48 -30.95
C MET B 107 2.53 11.99 -31.12
N ILE B 108 3.57 11.58 -31.85
CA ILE B 108 3.74 10.16 -32.14
C ILE B 108 5.04 9.55 -31.61
N THR B 109 4.92 8.40 -30.96
CA THR B 109 6.04 7.70 -30.38
C THR B 109 5.86 6.21 -30.58
N ASP B 110 6.85 5.43 -30.16
CA ASP B 110 6.83 3.98 -30.31
C ASP B 110 5.81 3.36 -29.36
N TYR B 111 5.13 2.31 -29.81
CA TYR B 111 4.28 1.53 -28.92
C TYR B 111 5.13 0.69 -27.98
N MET B 112 4.94 0.90 -26.68
CA MET B 112 5.54 0.03 -25.69
C MET B 112 4.46 -0.97 -25.28
N GLU B 113 4.58 -2.18 -25.80
CA GLU B 113 3.48 -3.13 -25.80
C GLU B 113 3.04 -3.58 -24.42
N ASN B 114 3.87 -3.37 -23.41
CA ASN B 114 3.50 -3.83 -22.08
C ASN B 114 3.04 -2.72 -21.14
N GLY B 115 2.68 -1.57 -21.68
CA GLY B 115 2.10 -0.52 -20.85
C GLY B 115 3.06 0.08 -19.83
N ASP B 116 2.54 0.77 -18.81
CA ASP B 116 3.48 1.32 -17.84
C ASP B 116 3.93 0.26 -16.84
N LEU B 117 5.09 0.50 -16.27
CA LEU B 117 5.75 -0.46 -15.41
C LEU B 117 4.93 -0.79 -14.17
N ASN B 118 4.15 0.18 -13.71
CA ASN B 118 3.34 0.00 -12.52
C ASN B 118 2.26 -1.06 -12.81
N GLN B 119 1.54 -0.92 -13.91
CA GLN B 119 0.54 -1.90 -14.29
C GLN B 119 1.22 -3.24 -14.55
N PHE B 120 2.39 -3.19 -15.19
CA PHE B 120 3.19 -4.37 -15.54
C PHE B 120 3.57 -5.17 -14.32
N LEU B 121 4.24 -4.52 -13.37
CA LEU B 121 4.71 -5.22 -12.19
C LEU B 121 3.55 -5.71 -11.36
N SER B 122 2.45 -4.98 -11.37
CA SER B 122 1.27 -5.38 -10.62
C SER B 122 0.67 -6.70 -11.07
N ALA B 123 0.96 -7.07 -12.32
CA ALA B 123 0.38 -8.28 -12.92
C ALA B 123 1.32 -9.48 -12.78
N HIS B 124 2.51 -9.26 -12.24
CA HIS B 124 3.51 -10.31 -12.04
C HIS B 124 3.67 -10.65 -10.59
N GLN B 125 4.15 -11.86 -10.33
CA GLN B 125 4.62 -12.27 -9.01
C GLN B 125 6.10 -12.66 -9.12
N LEU B 126 6.78 -12.64 -7.99
CA LEU B 126 8.18 -13.03 -7.91
C LEU B 126 8.38 -14.52 -8.20
N GLU B 127 9.48 -14.85 -8.87
CA GLU B 127 9.84 -16.23 -9.18
C GLU B 127 10.11 -17.11 -7.95
N ASP B 128 9.73 -18.38 -8.06
CA ASP B 128 10.00 -19.38 -7.02
C ASP B 128 11.40 -19.97 -7.12
N PRO B 138 3.24 -16.23 -15.16
CA PRO B 138 3.21 -14.77 -15.22
C PRO B 138 4.18 -14.18 -14.20
N THR B 139 5.38 -14.76 -14.12
CA THR B 139 6.37 -14.46 -13.09
C THR B 139 7.55 -13.62 -13.58
N ILE B 140 8.27 -13.01 -12.62
CA ILE B 140 9.50 -12.26 -12.89
C ILE B 140 10.57 -12.59 -11.85
N SER B 141 11.80 -12.74 -12.33
CA SER B 141 12.91 -13.09 -11.48
C SER B 141 13.52 -11.87 -10.80
N TYR B 142 14.22 -12.11 -9.70
CA TYR B 142 14.95 -11.07 -9.03
C TYR B 142 16.00 -10.42 -9.96
N PRO B 143 16.81 -11.22 -10.68
CA PRO B 143 17.76 -10.58 -11.61
C PRO B 143 17.08 -9.71 -12.67
N MET B 144 15.86 -10.06 -13.06
CA MET B 144 15.17 -9.26 -14.04
C MET B 144 14.64 -7.99 -13.41
N LEU B 145 14.31 -8.05 -12.12
CA LEU B 145 13.94 -6.83 -11.41
C LEU B 145 15.11 -5.84 -11.37
N LEU B 146 16.31 -6.38 -11.15
CA LEU B 146 17.51 -5.57 -11.11
C LEU B 146 17.79 -5.01 -12.47
N HIS B 147 17.54 -5.83 -13.49
CA HIS B 147 17.71 -5.42 -14.86
C HIS B 147 16.80 -4.27 -15.17
N VAL B 148 15.57 -4.33 -14.66
CA VAL B 148 14.63 -3.25 -14.92
C VAL B 148 15.11 -1.99 -14.20
N ALA B 149 15.48 -2.12 -12.93
CA ALA B 149 15.95 -0.98 -12.18
C ALA B 149 17.18 -0.34 -12.81
N ALA B 150 18.08 -1.16 -13.35
CA ALA B 150 19.31 -0.67 -13.98
C ALA B 150 19.02 0.19 -15.21
N GLN B 151 18.03 -0.23 -15.99
CA GLN B 151 17.69 0.53 -17.18
C GLN B 151 17.17 1.91 -16.81
N ILE B 152 16.43 1.98 -15.72
CA ILE B 152 15.93 3.26 -15.26
C ILE B 152 17.12 4.19 -14.88
N ALA B 153 18.08 3.67 -14.13
CA ALA B 153 19.23 4.49 -13.75
C ALA B 153 20.06 4.96 -14.95
N SER B 154 20.16 4.10 -15.96
CA SER B 154 20.91 4.41 -17.16
C SER B 154 20.22 5.55 -17.90
N GLY B 155 18.89 5.53 -17.91
CA GLY B 155 18.13 6.61 -18.49
C GLY B 155 18.34 7.90 -17.73
N MET B 156 18.20 7.81 -16.41
CA MET B 156 18.41 8.97 -15.56
C MET B 156 19.85 9.44 -15.69
N ARG B 157 20.79 8.51 -15.86
CA ARG B 157 22.18 8.89 -15.99
C ARG B 157 22.32 9.79 -17.19
N TYR B 158 21.57 9.48 -18.24
CA TYR B 158 21.61 10.29 -19.45
C TYR B 158 21.01 11.66 -19.23
N LEU B 159 19.86 11.72 -18.56
CA LEU B 159 19.21 13.02 -18.35
C LEU B 159 20.08 13.92 -17.50
N ALA B 160 20.77 13.33 -16.53
CA ALA B 160 21.67 14.07 -15.68
C ALA B 160 22.82 14.68 -16.50
N THR B 161 23.23 14.05 -17.60
CA THR B 161 24.29 14.63 -18.43
C THR B 161 23.82 15.83 -19.21
N LEU B 162 22.51 15.97 -19.37
CA LEU B 162 21.89 17.13 -20.02
C LEU B 162 21.43 18.22 -19.04
N ASN B 163 21.72 18.01 -17.76
CA ASN B 163 21.15 18.81 -16.68
C ASN B 163 19.65 18.95 -16.76
N PHE B 164 19.01 17.86 -17.16
CA PHE B 164 17.58 17.84 -17.25
C PHE B 164 17.05 17.20 -15.98
N VAL B 165 16.19 17.89 -15.26
CA VAL B 165 15.60 17.34 -14.04
C VAL B 165 14.23 16.83 -14.38
N HIS B 166 13.95 15.57 -14.06
CA HIS B 166 12.68 14.98 -14.44
C HIS B 166 11.51 15.53 -13.63
N ARG B 167 11.65 15.48 -12.29
CA ARG B 167 10.70 16.05 -11.33
C ARG B 167 9.55 15.11 -10.98
N ASP B 168 9.44 13.99 -11.68
CA ASP B 168 8.33 13.07 -11.42
C ASP B 168 8.69 11.65 -11.86
N LEU B 169 9.90 11.22 -11.55
CA LEU B 169 10.27 9.83 -11.74
C LEU B 169 9.46 8.90 -10.82
N ALA B 170 8.86 7.85 -11.39
CA ALA B 170 8.07 6.82 -10.68
C ALA B 170 7.60 5.78 -11.70
N THR B 171 7.13 4.62 -11.23
CA THR B 171 6.83 3.52 -12.14
C THR B 171 5.70 3.85 -13.08
N ARG B 172 4.78 4.70 -12.63
CA ARG B 172 3.69 5.18 -13.49
C ARG B 172 4.17 5.99 -14.71
N ASN B 173 5.38 6.52 -14.65
CA ASN B 173 5.92 7.29 -15.77
C ASN B 173 7.00 6.51 -16.51
N CYS B 174 7.10 5.22 -16.24
CA CYS B 174 7.99 4.38 -17.03
C CYS B 174 7.16 3.42 -17.90
N LEU B 175 7.76 2.99 -19.01
CA LEU B 175 7.08 2.16 -20.00
C LEU B 175 7.83 0.88 -20.27
N VAL B 176 7.10 -0.20 -20.57
CA VAL B 176 7.70 -1.52 -20.76
C VAL B 176 7.52 -2.05 -22.18
N GLY B 177 8.61 -2.41 -22.85
CA GLY B 177 8.54 -3.00 -24.18
C GLY B 177 8.81 -4.50 -24.15
N GLU B 178 9.27 -5.06 -25.27
CA GLU B 178 9.65 -6.47 -25.39
C GLU B 178 10.83 -6.82 -24.48
N ASN B 179 10.83 -8.04 -23.97
CA ASN B 179 11.96 -8.55 -23.18
C ASN B 179 12.35 -7.60 -22.06
N PHE B 180 11.34 -6.99 -21.44
CA PHE B 180 11.55 -6.14 -20.28
C PHE B 180 12.43 -4.92 -20.58
N THR B 181 12.39 -4.40 -21.81
CA THR B 181 13.09 -3.15 -22.06
C THR B 181 12.25 -2.02 -21.47
N ILE B 182 12.91 -1.05 -20.85
CA ILE B 182 12.23 0.05 -20.17
C ILE B 182 12.57 1.40 -20.79
N LYS B 183 11.56 2.27 -20.92
CA LYS B 183 11.84 3.69 -21.22
C LYS B 183 11.19 4.61 -20.21
N ILE B 184 11.92 5.65 -19.82
CA ILE B 184 11.35 6.69 -18.97
C ILE B 184 10.54 7.72 -19.80
N ALA B 185 9.41 8.15 -19.26
CA ALA B 185 8.58 9.17 -19.89
C ALA B 185 8.00 10.10 -18.81
N ASP B 186 7.04 10.94 -19.20
CA ASP B 186 6.32 11.79 -18.25
C ASP B 186 4.92 12.13 -18.75
N PHE B 187 3.93 11.48 -18.15
CA PHE B 187 2.56 11.66 -18.54
C PHE B 187 1.93 12.86 -17.83
N GLY B 188 2.71 13.55 -17.00
CA GLY B 188 2.13 14.65 -16.28
C GLY B 188 1.25 14.16 -15.16
N MET B 189 0.39 15.04 -14.68
CA MET B 189 -0.29 14.79 -13.42
C MET B 189 -1.81 14.86 -13.49
N SER B 190 -2.38 14.52 -14.64
CA SER B 190 -3.81 14.68 -14.83
C SER B 190 -4.58 13.36 -15.01
N ARG B 191 -3.87 12.24 -15.06
CA ARG B 191 -4.51 10.93 -15.18
C ARG B 191 -5.23 10.51 -13.91
N ASN B 192 -6.52 10.22 -14.02
CA ASN B 192 -7.29 9.89 -12.83
C ASN B 192 -6.83 8.56 -12.24
N LEU B 193 -6.16 7.76 -13.04
CA LEU B 193 -5.68 6.48 -12.55
C LEU B 193 -4.69 6.68 -11.40
N TYR B 194 -3.99 7.80 -11.41
CA TYR B 194 -2.94 8.02 -10.43
C TYR B 194 -3.14 9.28 -9.61
N ALA B 195 -4.35 9.83 -9.65
CA ALA B 195 -4.68 11.05 -8.93
C ALA B 195 -4.31 10.99 -7.44
N GLY B 196 -4.23 9.80 -6.88
CA GLY B 196 -3.88 9.69 -5.48
C GLY B 196 -2.42 9.90 -5.21
N ASP B 197 -1.60 10.00 -6.26
CA ASP B 197 -0.17 10.12 -6.06
C ASP B 197 0.26 11.55 -6.00
N TYR B 198 -0.70 12.45 -6.03
CA TYR B 198 -0.41 13.86 -6.14
C TYR B 198 -1.21 14.64 -5.11
N TYR B 199 -0.53 15.51 -4.35
CA TYR B 199 -1.20 16.30 -3.32
C TYR B 199 -0.89 17.81 -3.47
N ARG B 200 -1.90 18.65 -3.30
CA ARG B 200 -1.71 20.09 -3.43
C ARG B 200 -0.77 20.61 -2.35
N VAL B 201 0.30 21.28 -2.77
CA VAL B 201 1.32 21.78 -1.85
C VAL B 201 1.45 23.31 -1.80
N GLN B 202 1.55 23.82 -0.58
CA GLN B 202 1.81 25.23 -0.29
C GLN B 202 0.84 26.18 -1.02
N GLY B 203 -0.42 25.73 -1.07
CA GLY B 203 -1.52 26.50 -1.61
C GLY B 203 -1.58 26.48 -3.14
N ARG B 204 -0.60 25.83 -3.76
CA ARG B 204 -0.39 26.00 -5.18
C ARG B 204 -0.47 24.75 -6.02
N ALA B 205 0.69 24.13 -6.15
CA ALA B 205 0.87 23.02 -7.04
C ALA B 205 0.50 21.68 -6.46
N VAL B 206 -0.04 20.85 -7.33
CA VAL B 206 -0.24 19.45 -7.06
C VAL B 206 1.09 18.74 -7.33
N LEU B 207 1.62 18.02 -6.34
CA LEU B 207 2.96 17.44 -6.45
C LEU B 207 3.07 15.99 -5.97
N PRO B 208 3.98 15.20 -6.57
CA PRO B 208 4.11 13.82 -6.14
C PRO B 208 4.86 13.66 -4.81
N ILE B 209 4.27 14.08 -3.70
CA ILE B 209 5.02 14.22 -2.44
C ILE B 209 5.62 12.94 -1.86
N ARG B 210 4.99 11.79 -2.12
CA ARG B 210 5.52 10.51 -1.61
C ARG B 210 6.81 10.09 -2.34
N TRP B 211 7.12 10.72 -3.47
CA TRP B 211 8.38 10.47 -4.18
C TRP B 211 9.40 11.62 -3.99
N MET B 212 9.02 12.66 -3.26
CA MET B 212 9.86 13.87 -3.19
C MET B 212 10.81 13.97 -2.01
N ALA B 213 12.02 14.44 -2.32
CA ALA B 213 13.03 14.77 -1.31
C ALA B 213 12.53 15.85 -0.37
N TRP B 214 12.96 15.79 0.87
CA TRP B 214 12.46 16.72 1.85
C TRP B 214 12.67 18.19 1.42
N GLU B 215 13.80 18.51 0.77
CA GLU B 215 14.04 19.89 0.35
C GLU B 215 13.11 20.34 -0.81
N CYS B 216 12.54 19.37 -1.54
CA CYS B 216 11.56 19.70 -2.57
C CYS B 216 10.27 20.14 -1.92
N ILE B 217 9.85 19.39 -0.91
CA ILE B 217 8.59 19.66 -0.24
C ILE B 217 8.59 21.01 0.48
N LEU B 218 9.70 21.31 1.16
CA LEU B 218 9.81 22.53 1.95
C LEU B 218 10.23 23.76 1.13
N MET B 219 11.20 23.58 0.25
CA MET B 219 11.77 24.74 -0.46
C MET B 219 11.43 24.78 -1.94
N GLY B 220 10.86 23.72 -2.48
CA GLY B 220 10.45 23.78 -3.87
C GLY B 220 11.64 23.56 -4.77
N LYS B 221 12.72 23.00 -4.22
CA LYS B 221 13.95 22.84 -4.99
C LYS B 221 14.11 21.46 -5.62
N PHE B 222 14.04 21.41 -6.94
CA PHE B 222 14.20 20.17 -7.68
C PHE B 222 15.57 20.17 -8.38
N THR B 223 16.29 19.08 -8.21
CA THR B 223 17.64 18.92 -8.76
C THR B 223 17.89 17.46 -9.09
N THR B 224 19.09 17.17 -9.59
CA THR B 224 19.47 15.79 -9.85
C THR B 224 19.45 15.03 -8.54
N ALA B 225 19.94 15.69 -7.48
CA ALA B 225 19.92 15.11 -6.15
C ALA B 225 18.51 14.69 -5.73
N SER B 226 17.52 15.50 -6.09
CA SER B 226 16.15 15.13 -5.76
C SER B 226 15.63 14.04 -6.70
N ASP B 227 16.08 14.03 -7.94
CA ASP B 227 15.74 12.95 -8.87
C ASP B 227 16.28 11.65 -8.31
N VAL B 228 17.47 11.71 -7.73
CA VAL B 228 18.11 10.53 -7.15
C VAL B 228 17.28 9.97 -5.98
N TRP B 229 16.78 10.86 -5.13
CA TRP B 229 15.83 10.49 -4.09
C TRP B 229 14.63 9.78 -4.71
N ALA B 230 14.07 10.38 -5.76
CA ALA B 230 12.87 9.84 -6.42
C ALA B 230 13.14 8.46 -6.99
N PHE B 231 14.34 8.26 -7.50
CA PHE B 231 14.77 6.95 -8.02
C PHE B 231 14.79 5.89 -6.92
N GLY B 232 15.23 6.26 -5.73
CA GLY B 232 15.16 5.38 -4.59
C GLY B 232 13.75 4.89 -4.28
N VAL B 233 12.78 5.78 -4.38
CA VAL B 233 11.39 5.41 -4.15
C VAL B 233 10.88 4.50 -5.26
N THR B 234 11.22 4.85 -6.50
CA THR B 234 10.92 4.03 -7.65
C THR B 234 11.54 2.63 -7.57
N LEU B 235 12.79 2.56 -7.15
CA LEU B 235 13.45 1.29 -6.89
C LEU B 235 12.67 0.48 -5.84
N TRP B 236 12.26 1.14 -4.77
CA TRP B 236 11.43 0.54 -3.76
C TRP B 236 10.11 -0.01 -4.35
N GLU B 237 9.47 0.76 -5.22
CA GLU B 237 8.26 0.32 -5.93
C GLU B 237 8.47 -0.98 -6.69
N VAL B 238 9.57 -1.00 -7.43
CA VAL B 238 9.97 -2.15 -8.23
C VAL B 238 10.14 -3.40 -7.39
N LEU B 239 10.84 -3.28 -6.26
CA LEU B 239 11.04 -4.44 -5.41
C LEU B 239 9.78 -4.80 -4.63
N MET B 240 8.86 -3.86 -4.47
CA MET B 240 7.55 -4.20 -3.94
C MET B 240 6.63 -4.86 -5.00
N LEU B 241 7.14 -4.96 -6.22
CA LEU B 241 6.31 -5.26 -7.40
C LEU B 241 5.03 -4.43 -7.40
N CYS B 242 5.17 -3.18 -6.95
CA CYS B 242 4.10 -2.17 -6.94
C CYS B 242 2.85 -2.58 -6.17
N ARG B 243 3.03 -3.36 -5.11
CA ARG B 243 1.89 -3.89 -4.37
C ARG B 243 1.33 -2.85 -3.40
N ALA B 244 2.13 -1.84 -3.10
CA ALA B 244 1.69 -0.80 -2.16
C ALA B 244 2.21 0.58 -2.57
N GLN B 245 1.46 1.61 -2.18
CA GLN B 245 1.89 3.00 -2.34
C GLN B 245 2.95 3.33 -1.29
N PRO B 246 3.99 4.12 -1.67
CA PRO B 246 4.95 4.60 -0.67
C PRO B 246 4.27 5.29 0.51
N PHE B 247 4.70 4.99 1.73
CA PHE B 247 4.10 5.52 2.95
C PHE B 247 2.60 5.33 2.99
N GLY B 248 2.15 4.25 2.35
CA GLY B 248 0.74 3.99 2.12
C GLY B 248 -0.19 4.14 3.30
N GLN B 249 0.29 3.80 4.51
CA GLN B 249 -0.55 3.88 5.70
C GLN B 249 -0.56 5.30 6.30
N LEU B 250 0.27 6.18 5.76
CA LEU B 250 0.32 7.57 6.24
C LEU B 250 -0.54 8.51 5.40
N THR B 251 -1.15 9.51 6.02
CA THR B 251 -1.81 10.55 5.23
C THR B 251 -0.79 11.48 4.51
N ASP B 252 -1.26 12.20 3.49
CA ASP B 252 -0.45 13.20 2.81
C ASP B 252 0.17 14.24 3.78
N GLU B 253 -0.64 14.77 4.70
CA GLU B 253 -0.16 15.71 5.72
C GLU B 253 1.01 15.10 6.49
N GLN B 254 0.89 13.82 6.80
CA GLN B 254 1.89 13.12 7.59
C GLN B 254 3.16 13.02 6.77
N VAL B 255 2.99 12.86 5.47
CA VAL B 255 4.14 12.79 4.58
C VAL B 255 4.81 14.17 4.51
N ILE B 256 4.01 15.22 4.48
CA ILE B 256 4.56 16.57 4.50
C ILE B 256 5.24 16.85 5.84
N GLU B 257 4.60 16.43 6.93
CA GLU B 257 5.19 16.51 8.27
C GLU B 257 6.53 15.79 8.30
N ASN B 258 6.60 14.62 7.66
CA ASN B 258 7.83 13.83 7.67
C ASN B 258 9.02 14.58 7.08
N ALA B 259 8.76 15.42 6.09
CA ALA B 259 9.80 16.21 5.45
C ALA B 259 10.37 17.17 6.45
N GLY B 260 9.50 17.69 7.30
CA GLY B 260 9.91 18.57 8.36
C GLY B 260 10.88 17.86 9.28
N GLU B 261 10.68 16.56 9.46
CA GLU B 261 11.52 15.87 10.43
C GLU B 261 12.92 15.65 9.87
N PHE B 262 13.00 15.47 8.57
CA PHE B 262 14.29 15.41 7.88
C PHE B 262 15.06 16.71 8.04
N PHE B 263 14.36 17.83 7.93
CA PHE B 263 15.00 19.13 8.09
C PHE B 263 15.50 19.38 9.51
N ARG B 264 14.65 19.11 10.50
CA ARG B 264 14.99 19.30 11.92
C ARG B 264 16.17 18.41 12.32
N ASP B 265 16.20 17.19 11.76
CA ASP B 265 17.27 16.20 11.96
C ASP B 265 17.50 15.77 13.41
N GLN B 266 16.44 15.32 14.08
CA GLN B 266 16.55 14.83 15.45
C GLN B 266 16.33 13.33 15.54
N GLY B 267 16.46 12.63 14.42
CA GLY B 267 16.37 11.18 14.44
C GLY B 267 14.93 10.67 14.53
N ARG B 268 13.99 11.45 14.02
CA ARG B 268 12.59 11.06 14.06
C ARG B 268 11.94 11.00 12.68
N GLN B 269 12.73 11.20 11.64
CA GLN B 269 12.21 11.02 10.28
C GLN B 269 11.99 9.53 10.04
N VAL B 270 11.06 9.18 9.17
CA VAL B 270 10.89 7.75 8.87
C VAL B 270 11.16 7.44 7.41
N TYR B 271 11.61 6.20 7.18
CA TYR B 271 11.95 5.71 5.86
C TYR B 271 10.99 4.62 5.41
N LEU B 272 10.97 4.38 4.11
CA LEU B 272 10.25 3.24 3.58
C LEU B 272 10.92 1.96 4.08
N SER B 273 10.11 0.97 4.44
CA SER B 273 10.66 -0.29 4.93
C SER B 273 11.22 -1.15 3.80
N ARG B 274 12.03 -2.12 4.18
CA ARG B 274 12.60 -3.08 3.24
C ARG B 274 11.55 -3.99 2.59
N PRO B 275 11.49 -3.98 1.26
CA PRO B 275 10.58 -4.92 0.57
C PRO B 275 11.03 -6.34 0.81
N PRO B 276 10.08 -7.27 0.92
CA PRO B 276 10.32 -8.70 1.06
C PRO B 276 11.32 -9.25 0.03
N ALA B 277 11.17 -8.82 -1.20
CA ALA B 277 12.04 -9.23 -2.31
C ALA B 277 13.46 -8.66 -2.19
N CYS B 278 13.60 -7.54 -1.49
CA CYS B 278 14.85 -6.76 -1.42
C CYS B 278 15.87 -7.21 -0.36
N PRO B 279 17.02 -7.75 -0.79
CA PRO B 279 18.15 -8.07 0.10
C PRO B 279 18.65 -6.86 0.86
N GLN B 280 19.28 -7.09 2.02
CA GLN B 280 19.70 -6.00 2.88
C GLN B 280 20.66 -5.03 2.18
N GLY B 281 21.58 -5.56 1.39
CA GLY B 281 22.52 -4.72 0.67
C GLY B 281 21.89 -3.71 -0.27
N LEU B 282 20.88 -4.15 -1.03
CA LEU B 282 20.19 -3.29 -1.97
C LEU B 282 19.41 -2.26 -1.19
N TYR B 283 18.91 -2.68 -0.05
CA TYR B 283 18.14 -1.78 0.81
C TYR B 283 19.01 -0.65 1.31
N GLU B 284 20.24 -0.96 1.67
CA GLU B 284 21.14 0.08 2.14
C GLU B 284 21.46 1.07 1.02
N LEU B 285 21.38 0.61 -0.22
CA LEU B 285 21.56 1.50 -1.36
C LEU B 285 20.38 2.46 -1.48
N MET B 286 19.18 1.94 -1.21
CA MET B 286 18.00 2.80 -1.18
C MET B 286 18.11 3.84 -0.08
N LEU B 287 18.68 3.45 1.06
CA LEU B 287 18.87 4.39 2.16
C LEU B 287 19.77 5.58 1.76
N ARG B 288 20.87 5.31 1.05
CA ARG B 288 21.79 6.37 0.64
C ARG B 288 21.13 7.36 -0.32
N CYS B 289 20.19 6.87 -1.13
CA CYS B 289 19.39 7.75 -1.98
C CYS B 289 18.54 8.71 -1.17
N TRP B 290 18.26 8.34 0.08
CA TRP B 290 17.42 9.15 0.93
C TRP B 290 18.24 9.86 1.99
N SER B 291 19.53 10.09 1.72
CA SER B 291 20.37 10.88 2.64
C SER B 291 19.79 12.27 2.83
N ARG B 292 19.82 12.75 4.07
CA ARG B 292 19.40 14.11 4.34
C ARG B 292 20.15 15.11 3.46
N GLU B 293 21.46 14.95 3.34
CA GLU B 293 22.26 15.83 2.49
C GLU B 293 22.27 15.38 1.02
N SER B 294 21.93 16.30 0.13
CA SER B 294 21.95 16.08 -1.32
C SER B 294 23.27 15.49 -1.84
N GLU B 295 24.39 16.07 -1.47
CA GLU B 295 25.67 15.64 -2.06
C GLU B 295 26.13 14.27 -1.59
N GLN B 296 25.39 13.64 -0.68
CA GLN B 296 25.75 12.29 -0.25
C GLN B 296 24.98 11.23 -1.02
N ARG B 297 23.89 11.64 -1.65
CA ARG B 297 23.16 10.74 -2.53
C ARG B 297 24.04 10.34 -3.72
N PRO B 298 24.09 9.05 -4.04
CA PRO B 298 24.95 8.56 -5.12
C PRO B 298 24.53 9.13 -6.48
N PRO B 299 25.51 9.42 -7.33
CA PRO B 299 25.13 9.82 -8.70
C PRO B 299 24.54 8.64 -9.47
N PHE B 300 23.71 8.94 -10.45
CA PHE B 300 23.11 7.92 -11.29
C PHE B 300 24.15 7.02 -11.93
N SER B 301 25.30 7.58 -12.35
CA SER B 301 26.34 6.73 -12.92
C SER B 301 26.76 5.62 -11.94
N GLN B 302 26.91 5.95 -10.67
CA GLN B 302 27.31 4.94 -9.69
C GLN B 302 26.12 4.04 -9.33
N LEU B 303 24.91 4.59 -9.35
CA LEU B 303 23.74 3.77 -9.16
C LEU B 303 23.68 2.71 -10.23
N HIS B 304 23.83 3.11 -11.48
CA HIS B 304 23.69 2.17 -12.58
C HIS B 304 24.67 1.01 -12.52
N ARG B 305 25.92 1.32 -12.23
CA ARG B 305 26.97 0.33 -12.12
C ARG B 305 26.69 -0.65 -10.97
N PHE B 306 26.06 -0.16 -9.92
CA PHE B 306 25.77 -1.02 -8.78
C PHE B 306 24.75 -2.06 -9.16
N LEU B 307 23.65 -1.61 -9.73
CA LEU B 307 22.58 -2.51 -10.06
C LEU B 307 22.99 -3.51 -11.15
N ALA B 308 24.00 -3.15 -11.93
CA ALA B 308 24.41 -3.99 -13.06
C ALA B 308 25.53 -4.99 -12.72
N GLU B 309 26.26 -4.74 -11.64
CA GLU B 309 27.48 -5.52 -11.37
C GLU B 309 27.54 -6.12 -9.97
N ASP B 310 26.68 -5.63 -9.10
CA ASP B 310 26.86 -5.82 -7.66
C ASP B 310 25.69 -6.51 -6.96
N ALA B 311 24.48 -6.28 -7.47
CA ALA B 311 23.27 -6.71 -6.77
C ALA B 311 22.86 -8.15 -7.08
N LEU B 312 23.42 -8.73 -8.15
CA LEU B 312 23.15 -10.13 -8.51
C LEU B 312 23.96 -11.10 -7.66
N ASN B 313 24.37 -10.61 -6.49
CA ASN B 313 25.36 -11.28 -5.65
C ASN B 313 24.75 -11.86 -4.38
I IOD C . -13.50 -26.62 5.61
I IOD D . -26.18 -6.02 5.20
I IOD E . -0.47 -11.95 15.52
I IOD F . -31.78 -12.94 11.49
I IOD G . -15.45 -24.14 7.54
I IOD H . -22.34 -0.34 18.59
I IOD I . 0.81 -9.01 24.22
I IOD J . 6.74 -7.01 21.08
C13 1IJ K . -1.16 -3.57 22.86
C18 1IJ K . -2.41 -5.60 24.58
C19 1IJ K . -3.83 -3.89 25.44
C21 1IJ K . -1.22 -3.28 21.47
C22 1IJ K . -0.07 -3.46 20.69
C23 1IJ K . -0.35 -1.70 19.07
C24 1IJ K . -0.62 -0.67 14.78
C25 1IJ K . -0.72 -0.25 13.46
C26 1IJ K . 1.13 -4.16 22.69
C27 1IJ K . -1.94 0.01 12.86
C28 1IJ K . 0.01 -3.99 23.49
C1 1IJ K . -5.48 -0.17 13.77
C2 1IJ K . -3.89 -6.03 26.32
C3 1IJ K . -1.65 -1.32 17.01
N4 1IJ K . -4.37 -4.72 26.33
N5 1IJ K . -2.91 -6.49 25.45
C6 1IJ K . -1.74 -0.86 15.56
O7 1IJ K . -4.35 0.03 13.14
C8 1IJ K . -3.01 -0.63 15.02
C9 1IJ K . -2.82 -4.26 24.54
O10 1IJ K . -2.62 -1.75 17.62
O11 1IJ K . -2.29 -3.37 23.63
C12 1IJ K . -3.07 -0.19 13.64
N14 1IJ K . -0.42 -1.28 17.66
F15 1IJ K . -5.63 0.51 14.87
F16 1IJ K . -6.44 0.16 12.98
F17 1IJ K . -5.65 -1.44 14.02
N20 1IJ K . -4.43 -6.87 27.19
C29 1IJ K . -0.08 -3.18 19.22
C30 1IJ K . 1.10 -3.89 21.32
I IOD L . 3.75 3.31 6.08
I IOD M . 30.59 4.72 -12.40
I IOD N . 21.42 -1.33 -18.56
I IOD O . -2.60 11.35 -20.93
I IOD P . 4.75 -11.02 -5.09
I IOD Q . 12.02 -13.31 -15.74
I IOD R . 23.10 -7.16 -2.70
C13 1IJ S . 3.30 7.74 -25.09
C18 1IJ S . 2.07 5.15 -23.94
C19 1IJ S . 3.78 4.21 -25.36
C21 1IJ S . 4.09 8.83 -24.84
C22 1IJ S . 3.68 10.08 -25.18
C23 1IJ S . 4.48 11.58 -23.44
C24 1IJ S . 6.99 14.88 -21.93
C25 1IJ S . 7.86 15.88 -21.47
C26 1IJ S . 1.62 9.11 -26.02
C27 1IJ S . 9.14 15.60 -20.96
C28 1IJ S . 2.06 7.84 -25.68
C1 1IJ S . 11.27 12.64 -20.32
C2 1IJ S . 2.08 2.90 -24.56
C3 1IJ S . 6.50 12.44 -22.38
N4 1IJ S . 3.23 3.00 -25.32
N5 1IJ S . 1.46 3.95 -23.85
C6 1IJ S . 7.40 13.56 -21.91
O7 1IJ S . 10.78 13.90 -20.46
C8 1IJ S . 8.68 13.24 -21.40
C9 1IJ S . 3.23 5.32 -24.70
O10 1IJ S . 6.77 11.28 -22.14
O11 1IJ S . 3.85 6.54 -24.71
C12 1IJ S . 9.54 14.29 -20.94
N14 1IJ S . 5.32 12.70 -23.06
F15 1IJ S . 11.22 11.93 -21.42
F16 1IJ S . 12.51 12.60 -19.90
F17 1IJ S . 10.59 12.01 -19.37
N20 1IJ S . 1.50 1.71 -24.51
C29 1IJ S . 4.59 11.26 -24.91
C30 1IJ S . 2.43 10.23 -25.78
#